data_6B65
#
_entry.id   6B65
#
_cell.length_a   90.315
_cell.length_b   90.315
_cell.length_c   101.412
_cell.angle_alpha   90.00
_cell.angle_beta   90.00
_cell.angle_gamma   120.00
#
_symmetry.space_group_name_H-M   'P 32'
#
loop_
_entity.id
_entity.type
_entity.pdbx_description
1 polymer Fructose-1,6-bisphosphatase/inositol-1-monophosphatase
2 non-polymer 'SULFATE ION'
3 non-polymer 'MAGNESIUM ION'
4 non-polymer DI(HYDROXYETHYL)ETHER
5 non-polymer 'ISOPROPYL ALCOHOL'
6 water water
#
_entity_poly.entity_id   1
_entity_poly.type   'polypeptide(L)'
_entity_poly.pdbx_seq_one_letter_code
;MDERDALRISREIAGEVRKAIASMPLRERVKDVGMGKDGTPTKAADRVAEDAALEILRKERVTVVTEESGVLGEGDVFVA
LDPLDGTFNATQGIPVYSVSLCFSYSDKLKDAFFGYVYNLATGDEYYADSSGAYRNGERIEVSDAEELYCNAIIYYPDRK
FPFERMRIFGSAATELCFFADGSFDCFLDIRPGKMLRIYDAAAGVFIAEKAGGKVTELDGESLGNKKFDMQERLNIVAAN
EKLHPKLLELIK
;
_entity_poly.pdbx_strand_id   A,B
#
loop_
_chem_comp.id
_chem_comp.type
_chem_comp.name
_chem_comp.formula
IPA non-polymer 'ISOPROPYL ALCOHOL' 'C3 H8 O'
MG non-polymer 'MAGNESIUM ION' 'Mg 2'
PEG non-polymer DI(HYDROXYETHYL)ETHER 'C4 H10 O3'
SO4 non-polymer 'SULFATE ION' 'O4 S -2'
#
# COMPACT_ATOMS: atom_id res chain seq x y z
N MET A 1 22.53 28.06 -1.62
CA MET A 1 21.24 27.54 -1.17
C MET A 1 21.38 26.77 0.13
N ASP A 2 20.44 26.97 1.06
CA ASP A 2 20.47 26.20 2.30
C ASP A 2 19.25 25.31 2.49
N GLU A 3 19.23 24.59 3.60
CA GLU A 3 18.14 23.66 3.90
C GLU A 3 16.80 24.38 4.01
N ARG A 4 16.83 25.68 4.28
CA ARG A 4 15.60 26.41 4.41
C ARG A 4 14.98 26.69 3.03
N ASP A 5 15.80 27.11 2.08
CA ASP A 5 15.36 27.24 0.71
C ASP A 5 14.75 25.94 0.22
N ALA A 6 15.52 24.86 0.32
CA ALA A 6 15.09 23.54 -0.15
C ALA A 6 13.72 23.14 0.39
N LEU A 7 13.49 23.41 1.68
CA LEU A 7 12.23 23.08 2.31
C LEU A 7 11.07 23.84 1.68
N ARG A 8 11.31 25.11 1.37
CA ARG A 8 10.45 26.18 0.65
CA ARG A 8 10.50 26.21 0.61
C ARG A 8 10.29 25.83 -0.83
N ILE A 9 11.37 25.50 -1.54
CA ILE A 9 11.27 25.08 -2.93
C ILE A 9 10.48 23.78 -3.05
N SER A 10 10.71 22.86 -2.13
CA SER A 10 10.02 21.58 -2.13
C SER A 10 8.52 21.74 -1.88
N ARG A 11 8.16 22.55 -0.88
CA ARG A 11 6.76 22.84 -0.62
C ARG A 11 6.07 23.34 -1.89
N GLU A 12 6.74 24.24 -2.59
CA GLU A 12 6.16 24.92 -3.74
C GLU A 12 5.92 23.89 -4.83
N ILE A 13 6.95 23.08 -5.06
CA ILE A 13 6.88 21.98 -6.01
C ILE A 13 5.80 20.97 -5.63
N ALA A 14 5.73 20.63 -4.35
CA ALA A 14 4.77 19.62 -3.91
C ALA A 14 3.35 20.07 -4.20
N GLY A 15 3.10 21.36 -4.01
CA GLY A 15 1.79 21.92 -4.21
C GLY A 15 1.33 21.80 -5.65
N GLU A 16 2.19 22.22 -6.56
CA GLU A 16 1.86 22.24 -7.98
C GLU A 16 1.70 20.83 -8.54
N VAL A 17 2.53 19.93 -8.05
CA VAL A 17 2.48 18.56 -8.55
C VAL A 17 1.24 17.90 -7.98
N ARG A 18 0.83 18.31 -6.79
CA ARG A 18 -0.37 17.70 -6.22
C ARG A 18 -1.59 18.17 -7.02
N LYS A 19 -1.56 19.43 -7.44
CA LYS A 19 -2.65 19.95 -8.27
C LYS A 19 -2.70 19.20 -9.57
N ALA A 20 -1.62 19.32 -10.33
CA ALA A 20 -1.54 18.73 -11.65
C ALA A 20 -1.98 17.27 -11.67
N ILE A 21 -1.55 16.47 -10.69
CA ILE A 21 -1.99 15.08 -10.69
C ILE A 21 -3.48 14.96 -10.35
N ALA A 22 -3.91 15.61 -9.28
CA ALA A 22 -5.31 15.55 -8.87
C ALA A 22 -6.28 15.89 -10.02
N SER A 23 -5.86 16.81 -10.88
CA SER A 23 -6.69 17.31 -11.96
C SER A 23 -6.71 16.38 -13.18
N MET A 24 -5.90 15.33 -13.14
CA MET A 24 -5.80 14.42 -14.29
C MET A 24 -6.48 13.09 -13.99
N PRO A 25 -7.52 12.75 -14.76
CA PRO A 25 -8.32 11.54 -14.59
C PRO A 25 -7.45 10.31 -14.77
N LEU A 26 -7.84 9.20 -14.14
CA LEU A 26 -7.07 7.97 -14.23
C LEU A 26 -6.75 7.59 -15.68
N ARG A 27 -7.75 7.54 -16.54
CA ARG A 27 -7.61 7.02 -17.87
C ARG A 27 -6.59 7.80 -18.62
N GLU A 28 -6.48 9.06 -18.31
CA GLU A 28 -5.44 9.91 -18.89
C GLU A 28 -4.06 9.63 -18.29
N ARG A 29 -4.02 9.44 -16.96
CA ARG A 29 -2.76 9.23 -16.24
C ARG A 29 -1.94 8.09 -16.82
N VAL A 30 -2.63 7.07 -17.32
CA VAL A 30 -1.98 5.82 -17.67
C VAL A 30 -1.44 5.81 -19.10
N LYS A 31 -1.73 6.83 -19.87
CA LYS A 31 -1.26 6.81 -21.26
C LYS A 31 0.26 6.94 -21.32
N ASP A 32 0.87 6.17 -22.22
CA ASP A 32 2.27 6.35 -22.54
C ASP A 32 2.40 7.47 -23.55
N VAL A 33 3.21 8.47 -23.22
CA VAL A 33 3.33 9.65 -24.04
C VAL A 33 4.76 9.87 -24.55
N GLY A 34 5.69 9.07 -24.03
CA GLY A 34 7.08 9.18 -24.46
C GLY A 34 8.03 8.20 -23.80
N MET A 35 9.28 8.21 -24.24
CA MET A 35 10.33 7.46 -23.57
C MET A 35 11.05 8.35 -22.59
N GLY A 36 11.30 7.82 -21.40
CA GLY A 36 12.05 8.54 -20.40
C GLY A 36 13.52 8.44 -20.68
N LYS A 37 14.29 9.41 -20.20
CA LYS A 37 15.73 9.39 -20.40
C LYS A 37 16.35 8.26 -19.59
N ASP A 38 15.57 7.75 -18.65
CA ASP A 38 16.02 6.69 -17.77
C ASP A 38 15.90 5.36 -18.48
N GLY A 39 15.16 5.36 -19.59
CA GLY A 39 14.93 4.15 -20.36
C GLY A 39 13.66 3.41 -20.00
N THR A 40 12.82 4.03 -19.18
CA THR A 40 11.49 3.48 -18.94
C THR A 40 10.46 4.35 -19.64
N PRO A 41 9.23 3.85 -19.78
CA PRO A 41 8.24 4.74 -20.38
C PRO A 41 7.92 5.95 -19.51
N THR A 42 7.64 7.09 -20.12
CA THR A 42 7.03 8.23 -19.44
C THR A 42 5.52 8.13 -19.63
N LYS A 43 4.78 8.00 -18.53
CA LYS A 43 3.34 8.09 -18.58
C LYS A 43 2.88 9.56 -18.50
N ALA A 44 1.62 9.81 -18.86
CA ALA A 44 1.08 11.17 -18.88
C ALA A 44 1.14 11.77 -17.50
N ALA A 45 1.07 10.91 -16.47
CA ALA A 45 1.21 11.37 -15.09
C ALA A 45 2.61 11.92 -14.79
N ASP A 46 3.64 11.17 -15.20
CA ASP A 46 5.03 11.55 -14.96
C ASP A 46 5.31 12.89 -15.61
N ARG A 47 4.91 13.02 -16.87
CA ARG A 47 5.23 14.20 -17.64
C ARG A 47 4.61 15.43 -17.02
N VAL A 48 3.35 15.29 -16.63
CA VAL A 48 2.65 16.41 -16.04
C VAL A 48 3.26 16.80 -14.68
N ALA A 49 3.70 15.82 -13.91
CA ALA A 49 4.38 16.12 -12.66
C ALA A 49 5.75 16.76 -12.92
N GLU A 50 6.55 16.15 -13.78
CA GLU A 50 7.90 16.64 -13.99
C GLU A 50 7.91 18.08 -14.51
N ASP A 51 7.06 18.36 -15.49
CA ASP A 51 6.92 19.72 -16.03
C ASP A 51 6.63 20.74 -14.93
N ALA A 52 5.74 20.38 -14.00
CA ALA A 52 5.40 21.28 -12.91
C ALA A 52 6.59 21.49 -11.98
N ALA A 53 7.30 20.40 -11.68
CA ALA A 53 8.45 20.46 -10.80
C ALA A 53 9.60 21.19 -11.46
N LEU A 54 9.80 20.97 -12.77
CA LEU A 54 10.95 21.57 -13.45
C LEU A 54 10.80 23.06 -13.64
N GLU A 55 9.57 23.49 -13.86
CA GLU A 55 9.26 24.90 -13.94
C GLU A 55 9.90 25.63 -12.77
N ILE A 56 9.76 25.07 -11.58
CA ILE A 56 10.24 25.72 -10.37
C ILE A 56 11.72 25.50 -10.13
N LEU A 57 12.20 24.29 -10.39
CA LEU A 57 13.59 23.96 -10.09
C LEU A 57 14.64 24.63 -10.99
N ARG A 58 14.31 24.81 -12.27
CA ARG A 58 15.31 25.36 -13.20
C ARG A 58 15.66 26.80 -12.85
N LYS A 59 14.76 27.47 -12.14
CA LYS A 59 14.98 28.84 -11.68
C LYS A 59 16.09 28.92 -10.61
N GLU A 60 16.54 27.77 -10.13
CA GLU A 60 17.56 27.74 -9.09
C GLU A 60 18.93 27.39 -9.66
N ARG A 61 19.98 27.67 -8.91
CA ARG A 61 21.33 27.35 -9.35
C ARG A 61 21.61 25.88 -9.08
N VAL A 62 21.04 25.00 -9.91
CA VAL A 62 21.13 23.56 -9.68
C VAL A 62 21.43 22.74 -10.92
N THR A 63 21.86 21.51 -10.69
CA THR A 63 21.84 20.49 -11.72
C THR A 63 20.83 19.44 -11.26
N VAL A 64 19.91 19.11 -12.14
CA VAL A 64 18.80 18.22 -11.79
C VAL A 64 19.00 16.87 -12.42
N VAL A 65 18.84 15.82 -11.63
CA VAL A 65 18.86 14.46 -12.16
C VAL A 65 17.45 13.96 -11.96
N THR A 66 16.72 13.76 -13.06
CA THR A 66 15.31 13.41 -12.94
C THR A 66 14.94 12.28 -13.90
N GLU A 67 14.02 11.42 -13.45
CA GLU A 67 13.70 10.16 -14.13
C GLU A 67 13.34 10.33 -15.61
N GLU A 68 12.56 11.35 -15.91
CA GLU A 68 12.01 11.45 -17.26
C GLU A 68 12.87 12.27 -18.24
N SER A 69 13.28 13.47 -17.86
CA SER A 69 14.10 14.31 -18.73
C SER A 69 15.61 14.15 -18.53
N GLY A 70 16.01 13.40 -17.51
CA GLY A 70 17.43 13.16 -17.28
C GLY A 70 18.17 14.27 -16.54
N VAL A 71 19.35 14.61 -17.04
CA VAL A 71 20.23 15.56 -16.37
C VAL A 71 20.15 16.94 -16.99
N LEU A 72 19.81 17.95 -16.19
CA LEU A 72 19.59 19.30 -16.70
C LEU A 72 20.22 20.36 -15.81
N GLY A 73 20.66 21.46 -16.43
CA GLY A 73 21.25 22.57 -15.70
C GLY A 73 22.72 22.33 -15.37
N GLU A 74 23.36 23.33 -14.75
CA GLU A 74 24.79 23.21 -14.44
C GLU A 74 25.19 23.69 -13.04
N GLY A 75 24.21 23.93 -12.17
CA GLY A 75 24.49 24.37 -10.81
C GLY A 75 25.39 23.45 -10.00
N ASP A 76 25.92 23.98 -8.89
CA ASP A 76 26.83 23.21 -8.03
C ASP A 76 26.04 22.31 -7.09
N VAL A 77 24.83 22.74 -6.73
CA VAL A 77 23.90 21.90 -6.01
C VAL A 77 23.22 20.92 -6.97
N PHE A 78 23.20 19.66 -6.57
CA PHE A 78 22.55 18.61 -7.35
C PHE A 78 21.27 18.18 -6.69
N VAL A 79 20.22 17.98 -7.49
CA VAL A 79 18.94 17.54 -6.97
C VAL A 79 18.47 16.26 -7.63
N ALA A 80 18.34 15.20 -6.85
CA ALA A 80 17.77 13.96 -7.37
C ALA A 80 16.26 14.03 -7.25
N LEU A 81 15.58 14.01 -8.39
CA LEU A 81 14.14 14.23 -8.40
C LEU A 81 13.38 13.07 -8.99
N ASP A 82 12.51 12.45 -8.21
CA ASP A 82 11.53 11.55 -8.79
C ASP A 82 10.26 12.38 -8.83
N PRO A 83 9.86 12.82 -10.03
CA PRO A 83 8.72 13.72 -10.16
C PRO A 83 7.48 13.00 -9.70
N LEU A 84 7.55 11.68 -9.74
CA LEU A 84 6.45 10.81 -9.35
C LEU A 84 6.98 9.39 -9.09
N ASP A 85 7.04 9.03 -7.83
CA ASP A 85 7.43 7.70 -7.44
C ASP A 85 6.14 6.95 -7.15
N GLY A 86 6.05 5.70 -7.62
CA GLY A 86 4.81 4.95 -7.52
C GLY A 86 3.86 5.30 -8.65
N THR A 87 4.39 5.47 -9.86
CA THR A 87 3.57 5.89 -10.97
C THR A 87 2.43 4.89 -11.20
N PHE A 88 2.75 3.61 -11.04
CA PHE A 88 1.73 2.58 -11.20
C PHE A 88 0.54 2.81 -10.26
N ASN A 89 0.79 3.01 -8.97
CA ASN A 89 -0.29 3.27 -8.04
C ASN A 89 -1.12 4.49 -8.39
N ALA A 90 -0.45 5.50 -8.92
CA ALA A 90 -1.12 6.75 -9.24
C ALA A 90 -2.06 6.55 -10.42
N THR A 91 -1.67 5.71 -11.37
CA THR A 91 -2.55 5.39 -12.49
C THR A 91 -3.77 4.57 -12.07
N GLN A 92 -3.69 3.92 -10.91
CA GLN A 92 -4.79 3.08 -10.46
C GLN A 92 -5.63 3.67 -9.33
N GLY A 93 -5.29 4.88 -8.90
CA GLY A 93 -5.97 5.48 -7.76
C GLY A 93 -5.69 4.68 -6.50
N ILE A 94 -4.42 4.29 -6.33
CA ILE A 94 -3.98 3.70 -5.09
C ILE A 94 -3.15 4.75 -4.34
N PRO A 95 -3.60 5.11 -3.12
CA PRO A 95 -3.12 6.29 -2.37
C PRO A 95 -1.72 6.18 -1.76
N VAL A 96 -0.78 5.67 -2.54
CA VAL A 96 0.62 5.69 -2.14
C VAL A 96 1.49 6.06 -3.33
N TYR A 97 1.68 7.37 -3.54
CA TYR A 97 2.61 7.85 -4.57
C TYR A 97 3.07 9.25 -4.21
N SER A 98 4.30 9.58 -4.57
CA SER A 98 4.93 10.77 -4.04
C SER A 98 5.84 11.47 -5.02
N VAL A 99 6.12 12.74 -4.75
CA VAL A 99 7.23 13.44 -5.39
C VAL A 99 8.35 13.40 -4.34
N SER A 100 9.58 13.28 -4.81
CA SER A 100 10.70 13.04 -3.93
C SER A 100 11.88 13.87 -4.42
N LEU A 101 12.54 14.56 -3.50
CA LEU A 101 13.66 15.44 -3.83
C LEU A 101 14.74 15.25 -2.80
N CYS A 102 15.96 15.07 -3.28
CA CYS A 102 17.15 15.09 -2.43
C CYS A 102 18.08 16.19 -2.95
N PHE A 103 18.49 17.08 -2.08
CA PHE A 103 19.41 18.15 -2.48
C PHE A 103 20.78 17.84 -1.91
N SER A 104 21.81 17.90 -2.74
CA SER A 104 23.18 17.70 -2.29
C SER A 104 24.12 18.80 -2.80
N TYR A 105 25.15 19.09 -2.00
CA TYR A 105 26.17 20.11 -2.34
C TYR A 105 27.20 19.60 -3.34
N SER A 106 26.97 18.41 -3.87
CA SER A 106 27.94 17.70 -4.68
C SER A 106 27.18 16.62 -5.46
N ASP A 107 27.81 16.02 -6.45
CA ASP A 107 27.16 14.93 -7.21
C ASP A 107 27.15 13.58 -6.45
N LYS A 108 27.68 13.58 -5.23
CA LYS A 108 27.66 12.36 -4.43
C LYS A 108 26.66 12.51 -3.29
N LEU A 109 26.04 11.38 -2.93
CA LEU A 109 24.98 11.38 -1.92
C LEU A 109 25.45 11.81 -0.52
N LYS A 110 26.75 11.69 -0.24
CA LYS A 110 27.26 12.01 1.10
C LYS A 110 27.26 13.50 1.36
N ASP A 111 26.96 14.28 0.34
CA ASP A 111 26.89 15.72 0.53
C ASP A 111 25.47 16.21 0.49
N ALA A 112 24.55 15.30 0.77
CA ALA A 112 23.14 15.63 0.87
C ALA A 112 22.90 16.52 2.09
N PHE A 113 22.06 17.54 1.92
CA PHE A 113 21.68 18.40 3.03
C PHE A 113 20.17 18.50 3.24
N PHE A 114 19.40 17.92 2.32
CA PHE A 114 17.94 17.96 2.46
C PHE A 114 17.24 16.82 1.72
N GLY A 115 16.26 16.23 2.38
CA GLY A 115 15.47 15.16 1.78
C GLY A 115 14.01 15.50 1.92
N TYR A 116 13.21 15.17 0.91
CA TYR A 116 11.80 15.56 0.90
C TYR A 116 11.00 14.53 0.11
N VAL A 117 10.01 13.94 0.76
CA VAL A 117 9.12 13.00 0.09
C VAL A 117 7.72 13.36 0.49
N TYR A 118 6.86 13.63 -0.50
CA TYR A 118 5.53 14.12 -0.21
C TYR A 118 4.48 13.25 -0.87
N ASN A 119 3.64 12.63 -0.07
CA ASN A 119 2.64 11.72 -0.60
C ASN A 119 1.54 12.50 -1.28
N LEU A 120 1.43 12.30 -2.58
CA LEU A 120 0.57 13.12 -3.41
C LEU A 120 -0.90 12.77 -3.29
N ALA A 121 -1.20 11.68 -2.57
CA ALA A 121 -2.56 11.19 -2.41
C ALA A 121 -3.13 11.58 -1.06
N THR A 122 -2.27 11.77 -0.07
CA THR A 122 -2.76 12.08 1.26
C THR A 122 -2.27 13.42 1.77
N GLY A 123 -1.11 13.85 1.28
CA GLY A 123 -0.53 15.09 1.76
C GLY A 123 0.37 14.90 2.97
N ASP A 124 0.71 13.65 3.29
CA ASP A 124 1.70 13.40 4.30
C ASP A 124 3.06 13.95 3.81
N GLU A 125 3.67 14.81 4.62
CA GLU A 125 4.94 15.40 4.26
C GLU A 125 6.06 14.86 5.14
N TYR A 126 7.03 14.21 4.52
CA TYR A 126 8.24 13.79 5.19
C TYR A 126 9.39 14.66 4.70
N TYR A 127 10.24 15.11 5.60
CA TYR A 127 11.49 15.76 5.20
C TYR A 127 12.50 15.71 6.32
N ALA A 128 13.72 16.13 5.99
CA ALA A 128 14.84 16.04 6.91
C ALA A 128 15.87 17.09 6.59
N ASP A 129 16.48 17.64 7.64
CA ASP A 129 17.55 18.61 7.55
C ASP A 129 18.43 18.45 8.79
N SER A 130 19.14 19.51 9.17
CA SER A 130 19.98 19.45 10.35
C SER A 130 19.19 19.14 11.62
N SER A 131 18.08 19.83 11.80
CA SER A 131 17.23 19.64 12.97
C SER A 131 16.73 18.21 13.17
N GLY A 132 16.69 17.42 12.10
CA GLY A 132 16.27 16.03 12.20
C GLY A 132 15.30 15.60 11.12
N ALA A 133 14.46 14.63 11.44
CA ALA A 133 13.50 14.07 10.49
C ALA A 133 12.05 14.30 10.94
N TYR A 134 11.18 14.64 9.99
CA TYR A 134 9.82 15.10 10.30
C TYR A 134 8.73 14.48 9.45
N ARG A 135 7.58 14.24 10.07
CA ARG A 135 6.39 13.87 9.33
C ARG A 135 5.31 14.85 9.70
N ASN A 136 4.82 15.59 8.71
CA ASN A 136 3.81 16.61 8.93
C ASN A 136 4.16 17.52 10.12
N GLY A 137 5.44 17.88 10.22
CA GLY A 137 5.88 18.87 11.18
C GLY A 137 6.23 18.30 12.53
N GLU A 138 6.24 16.98 12.64
CA GLU A 138 6.55 16.35 13.90
C GLU A 138 7.70 15.39 13.76
N ARG A 139 8.63 15.41 14.72
CA ARG A 139 9.86 14.67 14.59
C ARG A 139 9.57 13.18 14.49
N ILE A 140 10.28 12.51 13.60
CA ILE A 140 10.10 11.08 13.39
C ILE A 140 11.38 10.32 13.66
N GLU A 141 11.30 9.23 14.41
CA GLU A 141 12.46 8.35 14.53
C GLU A 141 12.11 6.91 14.30
N VAL A 142 13.09 6.10 14.00
CA VAL A 142 12.92 4.72 13.68
C VAL A 142 12.61 3.87 14.87
N SER A 143 12.26 2.63 14.64
CA SER A 143 11.99 1.69 15.71
C SER A 143 13.18 0.98 16.31
N ASP A 144 12.93 0.38 17.46
CA ASP A 144 13.95 -0.27 18.25
C ASP A 144 13.90 -1.76 18.18
N ALA A 145 13.07 -2.30 17.36
CA ALA A 145 12.94 -3.73 17.18
C ALA A 145 14.31 -4.42 17.15
N GLU A 146 14.42 -5.56 17.82
CA GLU A 146 15.67 -6.30 17.87
C GLU A 146 15.50 -7.65 17.20
N GLU A 147 14.28 -8.17 17.24
CA GLU A 147 13.98 -9.47 16.67
C GLU A 147 13.82 -9.44 15.14
N LEU A 148 14.17 -10.54 14.48
CA LEU A 148 13.91 -10.72 13.05
C LEU A 148 12.41 -10.84 12.83
N TYR A 149 11.71 -11.25 13.87
CA TYR A 149 10.26 -11.32 13.81
C TYR A 149 9.69 -9.90 13.84
N CYS A 150 10.04 -9.13 12.82
CA CYS A 150 9.62 -7.72 12.71
C CYS A 150 8.69 -7.47 11.53
N ASN A 151 8.25 -6.22 11.41
CA ASN A 151 7.48 -5.78 10.27
C ASN A 151 8.41 -5.30 9.15
N ALA A 152 8.29 -5.92 7.97
CA ALA A 152 9.29 -5.74 6.91
C ALA A 152 8.71 -5.22 5.61
N ILE A 153 9.45 -4.32 4.97
CA ILE A 153 9.17 -4.00 3.58
C ILE A 153 10.30 -4.57 2.76
N ILE A 154 9.96 -5.43 1.81
CA ILE A 154 11.01 -6.17 1.11
C ILE A 154 10.71 -6.41 -0.36
N TYR A 155 11.67 -6.07 -1.21
CA TYR A 155 11.65 -6.29 -2.65
C TYR A 155 12.80 -7.20 -3.02
N TYR A 156 12.57 -8.48 -3.34
CA TYR A 156 11.28 -9.13 -3.25
C TYR A 156 11.45 -10.34 -2.35
N PRO A 157 10.40 -10.74 -1.64
CA PRO A 157 10.50 -12.02 -0.92
C PRO A 157 10.60 -13.15 -1.93
N ASP A 158 11.60 -14.02 -1.78
CA ASP A 158 11.71 -15.18 -2.67
C ASP A 158 12.11 -16.46 -1.95
N ARG A 159 11.85 -16.49 -0.64
CA ARG A 159 12.12 -17.66 0.18
C ARG A 159 11.33 -17.56 1.48
N LYS A 160 11.43 -18.58 2.32
CA LYS A 160 10.86 -18.51 3.65
C LYS A 160 11.51 -17.35 4.38
N PHE A 161 10.72 -16.60 5.15
CA PHE A 161 11.27 -15.51 5.95
C PHE A 161 10.66 -15.46 7.35
N PRO A 162 11.48 -15.11 8.33
CA PRO A 162 11.03 -15.13 9.73
C PRO A 162 10.28 -13.87 10.13
N PHE A 163 9.74 -13.13 9.15
CA PHE A 163 9.12 -11.83 9.45
C PHE A 163 7.70 -11.97 9.93
N GLU A 164 7.29 -11.06 10.83
CA GLU A 164 5.92 -11.04 11.31
C GLU A 164 4.97 -10.67 10.17
N ARG A 165 5.33 -9.64 9.42
CA ARG A 165 4.65 -9.36 8.15
C ARG A 165 5.59 -8.75 7.13
N MET A 166 5.28 -9.01 5.85
CA MET A 166 5.98 -8.40 4.73
C MET A 166 4.98 -7.54 3.96
N ARG A 167 5.47 -6.40 3.45
CA ARG A 167 4.64 -5.47 2.72
C ARG A 167 5.44 -4.89 1.57
N ILE A 168 4.74 -4.48 0.50
CA ILE A 168 5.33 -3.97 -0.74
C ILE A 168 4.29 -3.05 -1.35
N PHE A 169 4.52 -1.74 -1.30
CA PHE A 169 3.45 -0.78 -1.57
C PHE A 169 3.66 -0.13 -2.91
N GLY A 170 4.88 -0.20 -3.41
CA GLY A 170 5.12 0.19 -4.78
C GLY A 170 5.44 1.66 -4.89
N SER A 171 6.06 2.19 -3.84
CA SER A 171 6.64 3.53 -3.87
C SER A 171 7.85 3.60 -2.93
N ALA A 172 9.02 3.32 -3.49
CA ALA A 172 10.22 3.19 -2.66
C ALA A 172 10.51 4.45 -1.85
N ALA A 173 10.32 5.62 -2.43
CA ALA A 173 10.62 6.86 -1.72
C ALA A 173 9.69 7.02 -0.54
N THR A 174 8.50 6.43 -0.63
CA THR A 174 7.57 6.57 0.47
C THR A 174 7.80 5.47 1.48
N GLU A 175 8.19 4.30 1.01
CA GLU A 175 8.39 3.19 1.91
C GLU A 175 9.64 3.36 2.76
N LEU A 176 10.62 4.07 2.22
CA LEU A 176 11.78 4.46 3.01
C LEU A 176 11.31 5.35 4.16
N CYS A 177 10.27 6.15 3.93
CA CYS A 177 9.70 6.98 4.98
C CYS A 177 8.80 6.18 5.93
N PHE A 178 8.24 5.06 5.46
CA PHE A 178 7.50 4.22 6.37
C PHE A 178 8.48 3.59 7.38
N PHE A 179 9.73 3.47 6.97
CA PHE A 179 10.74 2.94 7.86
C PHE A 179 11.21 4.07 8.77
N ALA A 180 11.39 5.26 8.20
CA ALA A 180 11.93 6.38 8.97
C ALA A 180 11.06 6.77 10.16
N ASP A 181 9.74 6.63 10.06
CA ASP A 181 8.88 6.98 11.19
C ASP A 181 8.57 5.79 12.12
N GLY A 182 9.21 4.66 11.87
CA GLY A 182 9.03 3.50 12.71
C GLY A 182 7.80 2.65 12.39
N SER A 183 7.06 3.04 11.35
CA SER A 183 5.94 2.23 10.90
C SER A 183 6.44 0.83 10.62
N PHE A 184 7.58 0.72 9.93
CA PHE A 184 8.18 -0.58 9.64
C PHE A 184 9.60 -0.70 10.21
N ASP A 185 9.97 -1.92 10.58
CA ASP A 185 11.26 -2.13 11.24
C ASP A 185 12.42 -2.21 10.27
N CYS A 186 12.13 -2.35 8.99
CA CYS A 186 13.20 -2.35 7.99
C CYS A 186 12.69 -2.17 6.56
N PHE A 187 13.59 -1.71 5.67
CA PHE A 187 13.33 -1.63 4.24
C PHE A 187 14.39 -2.39 3.44
N LEU A 188 13.97 -3.42 2.73
CA LEU A 188 14.91 -4.24 1.97
C LEU A 188 14.61 -4.19 0.48
N ASP A 189 15.59 -3.76 -0.29
CA ASP A 189 15.51 -3.97 -1.71
C ASP A 189 16.78 -4.71 -2.12
N ILE A 190 16.64 -6.03 -2.17
CA ILE A 190 17.73 -6.93 -2.44
C ILE A 190 17.61 -7.54 -3.83
N ARG A 191 16.84 -6.91 -4.71
CA ARG A 191 16.68 -7.41 -6.07
C ARG A 191 18.04 -7.50 -6.74
N PRO A 192 18.47 -8.71 -7.10
CA PRO A 192 19.81 -8.89 -7.68
C PRO A 192 20.00 -8.05 -8.93
N GLY A 193 18.90 -7.74 -9.63
CA GLY A 193 18.96 -6.85 -10.77
C GLY A 193 19.49 -5.45 -10.43
N LYS A 194 19.36 -5.07 -9.16
CA LYS A 194 19.74 -3.73 -8.69
C LYS A 194 19.01 -2.67 -9.51
N MET A 195 17.72 -2.51 -9.21
CA MET A 195 16.77 -1.70 -9.98
C MET A 195 16.68 -0.23 -9.62
N LEU A 196 16.74 0.05 -8.30
CA LEU A 196 16.55 1.40 -7.77
C LEU A 196 17.55 2.38 -8.34
N ARG A 197 17.04 3.54 -8.75
CA ARG A 197 17.85 4.62 -9.27
C ARG A 197 18.04 5.72 -8.20
N ILE A 198 18.99 6.63 -8.40
CA ILE A 198 19.27 7.66 -7.39
C ILE A 198 18.06 8.50 -6.97
N TYR A 199 17.20 8.88 -7.93
CA TYR A 199 16.04 9.70 -7.59
C TYR A 199 14.97 8.86 -6.86
N ASP A 200 15.04 7.55 -6.95
CA ASP A 200 14.13 6.72 -6.15
C ASP A 200 14.47 6.72 -4.65
N ALA A 201 15.76 6.63 -4.35
CA ALA A 201 16.22 6.33 -2.99
C ALA A 201 16.66 7.55 -2.20
N ALA A 202 17.31 8.49 -2.87
CA ALA A 202 18.16 9.45 -2.18
C ALA A 202 17.46 10.17 -1.05
N ALA A 203 16.33 10.80 -1.33
CA ALA A 203 15.59 11.52 -0.30
C ALA A 203 15.22 10.58 0.84
N GLY A 204 14.70 9.42 0.49
CA GLY A 204 14.29 8.43 1.47
C GLY A 204 15.43 7.98 2.38
N VAL A 205 16.61 7.75 1.80
CA VAL A 205 17.74 7.32 2.59
C VAL A 205 18.11 8.42 3.58
N PHE A 206 18.14 9.66 3.08
CA PHE A 206 18.53 10.80 3.89
C PHE A 206 17.59 10.95 5.06
N ILE A 207 16.29 10.83 4.80
CA ILE A 207 15.33 10.97 5.88
C ILE A 207 15.50 9.84 6.88
N ALA A 208 15.64 8.62 6.38
CA ALA A 208 15.80 7.47 7.27
C ALA A 208 17.03 7.59 8.15
N GLU A 209 18.15 8.03 7.58
CA GLU A 209 19.39 8.16 8.35
C GLU A 209 19.26 9.25 9.40
N LYS A 210 18.71 10.40 9.02
CA LYS A 210 18.49 11.45 10.03
C LYS A 210 17.50 11.00 11.11
N ALA A 211 16.58 10.10 10.77
CA ALA A 211 15.64 9.58 11.77
C ALA A 211 16.28 8.50 12.60
N GLY A 212 17.58 8.28 12.40
CA GLY A 212 18.32 7.34 13.24
C GLY A 212 18.66 5.99 12.63
N GLY A 213 18.20 5.74 11.41
CA GLY A 213 18.33 4.43 10.82
C GLY A 213 19.69 4.15 10.21
N LYS A 214 20.10 2.87 10.26
CA LYS A 214 21.33 2.41 9.64
C LYS A 214 21.02 2.00 8.20
N VAL A 215 21.52 2.75 7.22
CA VAL A 215 21.20 2.46 5.83
C VAL A 215 22.42 2.22 4.94
N THR A 216 22.47 1.03 4.34
CA THR A 216 23.61 0.55 3.53
C THR A 216 23.23 -0.32 2.30
N GLU A 217 24.15 -0.44 1.35
CA GLU A 217 23.94 -1.16 0.11
C GLU A 217 23.82 -2.59 0.56
N LEU A 218 23.71 -3.48 -0.38
CA LEU A 218 23.29 -4.83 -0.11
C LEU A 218 24.22 -5.51 0.83
N ASP A 219 25.45 -5.07 0.88
CA ASP A 219 26.41 -5.70 1.74
C ASP A 219 27.03 -4.83 2.86
N GLY A 220 26.39 -3.76 3.25
CA GLY A 220 26.87 -2.95 4.34
C GLY A 220 27.76 -1.78 4.04
N GLU A 221 28.01 -1.53 2.78
CA GLU A 221 28.86 -0.39 2.41
CA GLU A 221 28.79 -0.37 2.38
C GLU A 221 28.14 0.99 2.40
N SER A 222 28.79 1.98 2.97
CA SER A 222 28.21 3.31 2.94
C SER A 222 27.57 3.61 1.58
N LEU A 223 26.45 4.33 1.59
CA LEU A 223 25.82 4.79 0.35
C LEU A 223 26.39 6.14 -0.04
N GLY A 224 27.36 6.61 0.75
CA GLY A 224 27.93 7.94 0.57
C GLY A 224 28.46 8.21 -0.82
N ASN A 225 28.94 7.17 -1.50
CA ASN A 225 29.58 7.35 -2.80
C ASN A 225 28.64 7.23 -3.99
N LYS A 226 27.38 6.88 -3.73
CA LYS A 226 26.39 6.78 -4.80
C LYS A 226 26.26 8.14 -5.51
N LYS A 227 26.29 8.11 -6.85
CA LYS A 227 26.34 9.35 -7.61
C LYS A 227 24.96 9.82 -8.08
N PHE A 228 24.86 11.13 -8.30
CA PHE A 228 23.64 11.73 -8.79
C PHE A 228 23.70 11.75 -10.31
N ASP A 229 23.59 10.56 -10.89
CA ASP A 229 23.57 10.47 -12.33
C ASP A 229 22.55 9.41 -12.73
N MET A 230 22.31 9.25 -14.02
CA MET A 230 21.27 8.34 -14.48
C MET A 230 21.74 6.88 -14.46
N GLN A 231 23.06 6.70 -14.49
CA GLN A 231 23.65 5.35 -14.53
C GLN A 231 23.55 4.64 -13.17
N GLU A 232 23.42 5.42 -12.10
CA GLU A 232 23.55 4.84 -10.76
C GLU A 232 22.41 3.89 -10.40
N ARG A 233 22.75 2.84 -9.66
CA ARG A 233 21.79 1.85 -9.22
C ARG A 233 22.05 1.49 -7.76
N LEU A 234 21.07 0.89 -7.09
CA LEU A 234 21.17 0.67 -5.65
C LEU A 234 20.43 -0.57 -5.18
N ASN A 235 21.05 -1.30 -4.25
CA ASN A 235 20.28 -2.12 -3.34
C ASN A 235 20.27 -1.40 -2.00
N ILE A 236 19.22 -1.57 -1.22
CA ILE A 236 19.15 -0.93 0.07
C ILE A 236 18.85 -1.94 1.17
N VAL A 237 19.61 -1.86 2.25
CA VAL A 237 19.28 -2.56 3.48
C VAL A 237 19.18 -1.51 4.56
N ALA A 238 18.06 -1.48 5.28
CA ALA A 238 17.85 -0.41 6.25
C ALA A 238 17.10 -0.91 7.45
N ALA A 239 17.61 -0.57 8.64
CA ALA A 239 17.02 -0.99 9.91
C ALA A 239 17.63 -0.17 11.03
N ASN A 240 17.10 -0.29 12.24
CA ASN A 240 17.81 0.27 13.39
C ASN A 240 19.13 -0.48 13.62
N GLU A 241 20.05 0.18 14.31
CA GLU A 241 21.43 -0.27 14.42
C GLU A 241 21.57 -1.69 14.99
N LYS A 242 20.72 -2.04 15.94
CA LYS A 242 20.75 -3.36 16.54
C LYS A 242 20.35 -4.43 15.55
N LEU A 243 19.32 -4.14 14.77
CA LEU A 243 18.70 -5.11 13.87
C LEU A 243 19.43 -5.21 12.54
N HIS A 244 20.06 -4.12 12.11
CA HIS A 244 20.75 -4.11 10.83
C HIS A 244 21.76 -5.26 10.60
N PRO A 245 22.74 -5.47 11.51
CA PRO A 245 23.64 -6.60 11.26
C PRO A 245 22.89 -7.92 11.18
N LYS A 246 21.79 -8.04 11.90
CA LYS A 246 21.04 -9.29 11.89
C LYS A 246 20.46 -9.58 10.51
N LEU A 247 19.99 -8.53 9.83
CA LEU A 247 19.40 -8.68 8.51
C LEU A 247 20.48 -8.96 7.49
N LEU A 248 21.65 -8.35 7.70
CA LEU A 248 22.75 -8.51 6.75
C LEU A 248 23.13 -9.96 6.65
N GLU A 249 23.08 -10.63 7.80
CA GLU A 249 23.41 -12.04 7.89
C GLU A 249 22.34 -12.81 7.16
N LEU A 250 21.10 -12.63 7.60
CA LEU A 250 19.93 -13.31 7.06
C LEU A 250 19.86 -13.42 5.52
N ILE A 251 20.07 -12.31 4.83
CA ILE A 251 19.97 -12.29 3.38
C ILE A 251 21.23 -12.77 2.64
N LYS A 252 22.21 -13.28 3.38
CA LYS A 252 23.44 -13.80 2.79
C LYS A 252 23.20 -15.00 1.86
N MET B 1 -34.69 -8.52 4.13
CA MET B 1 -33.79 -7.43 3.78
C MET B 1 -33.36 -7.55 2.33
N ASP B 2 -33.42 -6.46 1.56
CA ASP B 2 -32.92 -6.51 0.18
C ASP B 2 -31.57 -5.78 -0.02
N GLU B 3 -31.02 -5.87 -1.22
CA GLU B 3 -29.75 -5.24 -1.52
C GLU B 3 -29.78 -3.71 -1.33
N ARG B 4 -30.96 -3.11 -1.46
CA ARG B 4 -31.06 -1.67 -1.27
C ARG B 4 -30.79 -1.31 0.19
N ASP B 5 -31.43 -2.03 1.09
CA ASP B 5 -31.17 -1.85 2.52
C ASP B 5 -29.68 -1.96 2.84
N ALA B 6 -29.09 -3.08 2.43
CA ALA B 6 -27.71 -3.39 2.72
C ALA B 6 -26.79 -2.27 2.30
N LEU B 7 -27.12 -1.61 1.20
CA LEU B 7 -26.37 -0.46 0.77
C LEU B 7 -26.54 0.64 1.79
N ARG B 8 -27.80 0.92 2.13
CA ARG B 8 -28.08 2.01 3.05
C ARG B 8 -27.43 1.78 4.42
N ILE B 9 -27.51 0.55 4.91
CA ILE B 9 -26.95 0.20 6.20
C ILE B 9 -25.44 0.25 6.17
N SER B 10 -24.84 -0.23 5.07
CA SER B 10 -23.39 -0.20 4.95
C SER B 10 -22.87 1.21 4.90
N ARG B 11 -23.56 2.07 4.16
CA ARG B 11 -23.15 3.45 4.08
C ARG B 11 -23.31 4.16 5.41
N GLU B 12 -24.31 3.77 6.18
CA GLU B 12 -24.55 4.40 7.47
C GLU B 12 -23.43 3.98 8.41
N ILE B 13 -23.00 2.73 8.27
CA ILE B 13 -21.89 2.21 9.06
C ILE B 13 -20.57 2.85 8.65
N ALA B 14 -20.34 2.95 7.34
CA ALA B 14 -19.08 3.52 6.85
C ALA B 14 -18.83 4.89 7.44
N GLY B 15 -19.89 5.70 7.52
CA GLY B 15 -19.79 7.06 8.02
C GLY B 15 -19.33 7.11 9.46
N GLU B 16 -20.00 6.35 10.30
CA GLU B 16 -19.71 6.29 11.71
C GLU B 16 -18.27 5.81 11.94
N VAL B 17 -17.88 4.78 11.20
CA VAL B 17 -16.57 4.20 11.35
C VAL B 17 -15.51 5.14 10.79
N ARG B 18 -15.85 5.92 9.76
CA ARG B 18 -14.88 6.88 9.25
C ARG B 18 -14.59 7.92 10.33
N LYS B 19 -15.65 8.41 10.96
CA LYS B 19 -15.52 9.41 12.01
C LYS B 19 -14.75 8.89 13.22
N ALA B 20 -15.24 7.80 13.81
CA ALA B 20 -14.62 7.24 15.00
C ALA B 20 -13.13 6.99 14.81
N ILE B 21 -12.74 6.31 13.73
CA ILE B 21 -11.31 6.10 13.49
C ILE B 21 -10.58 7.41 13.27
N ALA B 22 -11.21 8.32 12.54
CA ALA B 22 -10.55 9.58 12.23
C ALA B 22 -10.16 10.37 13.49
N SER B 23 -11.06 10.44 14.47
CA SER B 23 -10.76 11.25 15.66
C SER B 23 -9.91 10.53 16.71
N MET B 24 -9.34 9.39 16.35
CA MET B 24 -8.49 8.66 17.29
C MET B 24 -7.06 8.64 16.81
N PRO B 25 -6.15 9.27 17.58
CA PRO B 25 -4.75 9.50 17.23
C PRO B 25 -4.01 8.19 17.17
N LEU B 26 -2.93 8.17 16.39
CA LEU B 26 -2.21 6.94 16.12
C LEU B 26 -1.83 6.26 17.42
N ARG B 27 -1.12 7.01 18.27
CA ARG B 27 -0.64 6.52 19.56
C ARG B 27 -1.74 5.84 20.37
N GLU B 28 -2.99 6.26 20.15
CA GLU B 28 -4.14 5.64 20.79
C GLU B 28 -4.65 4.41 20.01
N ARG B 29 -4.60 4.48 18.68
CA ARG B 29 -5.11 3.38 17.85
C ARG B 29 -4.40 2.07 18.13
N VAL B 30 -3.13 2.14 18.51
CA VAL B 30 -2.30 0.96 18.56
C VAL B 30 -2.33 0.26 19.93
N LYS B 31 -3.07 0.80 20.88
CA LYS B 31 -3.14 0.14 22.18
C LYS B 31 -3.91 -1.18 22.08
N ASP B 32 -3.44 -2.18 22.81
CA ASP B 32 -4.18 -3.43 22.94
C ASP B 32 -5.13 -3.30 24.11
N VAL B 33 -6.43 -3.33 23.81
CA VAL B 33 -7.44 -3.14 24.85
C VAL B 33 -8.17 -4.42 25.23
N GLY B 34 -8.00 -5.46 24.43
CA GLY B 34 -8.67 -6.72 24.69
C GLY B 34 -8.28 -7.84 23.76
N MET B 35 -8.83 -9.01 24.03
CA MET B 35 -8.61 -10.18 23.19
C MET B 35 -9.86 -10.40 22.36
N GLY B 36 -9.71 -10.47 21.04
CA GLY B 36 -10.86 -10.70 20.18
C GLY B 36 -11.30 -12.15 20.23
N LYS B 37 -12.60 -12.38 20.07
CA LYS B 37 -13.16 -13.73 20.05
C LYS B 37 -12.53 -14.56 18.95
N ASP B 38 -11.97 -13.86 17.96
CA ASP B 38 -11.33 -14.48 16.82
C ASP B 38 -10.01 -15.10 17.24
N GLY B 39 -9.49 -14.68 18.40
CA GLY B 39 -8.21 -15.18 18.87
C GLY B 39 -7.01 -14.32 18.50
N THR B 40 -7.27 -13.10 18.03
CA THR B 40 -6.23 -12.13 17.78
C THR B 40 -6.49 -10.98 18.74
N PRO B 41 -5.48 -10.19 19.05
CA PRO B 41 -5.84 -9.11 19.98
C PRO B 41 -6.64 -7.97 19.34
N THR B 42 -7.57 -7.41 20.10
CA THR B 42 -8.34 -6.25 19.68
C THR B 42 -7.55 -4.98 19.99
N LYS B 43 -7.22 -4.21 18.95
CA LYS B 43 -6.63 -2.89 19.15
C LYS B 43 -7.75 -1.91 19.46
N ALA B 44 -7.43 -0.80 20.11
CA ALA B 44 -8.41 0.24 20.42
C ALA B 44 -9.11 0.70 19.13
N ALA B 45 -8.39 0.69 18.02
CA ALA B 45 -9.01 1.04 16.73
C ALA B 45 -10.11 0.05 16.32
N ASP B 46 -9.83 -1.24 16.43
CA ASP B 46 -10.83 -2.28 16.16
C ASP B 46 -12.07 -2.08 17.01
N ARG B 47 -11.88 -1.86 18.31
CA ARG B 47 -12.99 -1.71 19.23
C ARG B 47 -13.91 -0.58 18.82
N VAL B 48 -13.35 0.62 18.67
CA VAL B 48 -14.17 1.76 18.32
C VAL B 48 -14.88 1.58 16.98
N ALA B 49 -14.20 1.01 15.99
CA ALA B 49 -14.84 0.71 14.71
C ALA B 49 -16.00 -0.28 14.91
N GLU B 50 -15.70 -1.40 15.56
CA GLU B 50 -16.72 -2.43 15.71
C GLU B 50 -17.94 -1.93 16.48
N ASP B 51 -17.68 -1.31 17.65
CA ASP B 51 -18.75 -0.75 18.48
C ASP B 51 -19.68 0.15 17.69
N ALA B 52 -19.12 0.96 16.79
CA ALA B 52 -19.93 1.84 15.95
C ALA B 52 -20.69 1.01 14.92
N ALA B 53 -20.03 0.02 14.35
CA ALA B 53 -20.67 -0.85 13.37
C ALA B 53 -21.86 -1.56 13.99
N LEU B 54 -21.64 -2.15 15.16
CA LEU B 54 -22.64 -3.01 15.78
C LEU B 54 -23.84 -2.24 16.29
N GLU B 55 -23.59 -1.00 16.70
CA GLU B 55 -24.64 -0.10 17.15
C GLU B 55 -25.76 -0.07 16.11
N ILE B 56 -25.36 0.03 14.85
CA ILE B 56 -26.32 0.13 13.76
C ILE B 56 -26.84 -1.25 13.36
N LEU B 57 -25.92 -2.20 13.26
CA LEU B 57 -26.25 -3.53 12.74
C LEU B 57 -27.26 -4.31 13.58
N ARG B 58 -27.14 -4.27 14.89
CA ARG B 58 -27.99 -5.12 15.72
C ARG B 58 -29.45 -4.66 15.75
N LYS B 59 -29.73 -3.50 15.15
CA LYS B 59 -31.10 -3.06 14.95
C LYS B 59 -31.80 -3.84 13.81
N GLU B 60 -31.07 -4.76 13.18
CA GLU B 60 -31.57 -5.45 11.99
C GLU B 60 -31.76 -6.94 12.26
N ARG B 61 -32.58 -7.61 11.44
CA ARG B 61 -32.84 -9.03 11.66
C ARG B 61 -31.67 -9.87 11.14
N VAL B 62 -30.53 -9.80 11.85
CA VAL B 62 -29.30 -10.42 11.38
C VAL B 62 -28.60 -11.27 12.41
N THR B 63 -27.76 -12.19 11.93
CA THR B 63 -26.74 -12.80 12.74
C THR B 63 -25.41 -12.24 12.25
N VAL B 64 -24.66 -11.60 13.13
CA VAL B 64 -23.40 -10.97 12.73
C VAL B 64 -22.22 -11.86 13.05
N VAL B 65 -21.27 -11.93 12.14
CA VAL B 65 -20.03 -12.67 12.38
C VAL B 65 -18.92 -11.65 12.29
N THR B 66 -18.32 -11.27 13.41
CA THR B 66 -17.37 -10.18 13.40
C THR B 66 -16.07 -10.56 14.10
N GLU B 67 -14.94 -10.01 13.63
CA GLU B 67 -13.62 -10.36 14.16
C GLU B 67 -13.51 -10.20 15.68
N GLU B 68 -13.99 -9.09 16.22
CA GLU B 68 -13.71 -8.84 17.64
C GLU B 68 -14.73 -9.46 18.60
N SER B 69 -16.01 -9.35 18.30
CA SER B 69 -17.02 -9.88 19.22
C SER B 69 -17.61 -11.24 18.82
N GLY B 70 -17.15 -11.80 17.70
CA GLY B 70 -17.63 -13.11 17.28
C GLY B 70 -19.06 -13.09 16.76
N VAL B 71 -19.85 -14.09 17.14
CA VAL B 71 -21.17 -14.30 16.56
C VAL B 71 -22.30 -13.75 17.43
N LEU B 72 -23.13 -12.88 16.86
CA LEU B 72 -24.18 -12.17 17.60
C LEU B 72 -25.49 -12.14 16.82
N GLY B 73 -26.61 -12.21 17.53
CA GLY B 73 -27.92 -12.13 16.90
C GLY B 73 -28.45 -13.48 16.43
N GLU B 74 -29.66 -13.49 15.88
CA GLU B 74 -30.27 -14.73 15.38
C GLU B 74 -31.00 -14.57 14.03
N GLY B 75 -30.77 -13.45 13.35
CA GLY B 75 -31.42 -13.21 12.09
C GLY B 75 -31.10 -14.27 11.05
N ASP B 76 -32.04 -14.48 10.12
CA ASP B 76 -31.85 -15.44 9.03
C ASP B 76 -30.80 -14.91 8.07
N VAL B 77 -30.66 -13.58 8.02
CA VAL B 77 -29.59 -12.94 7.27
C VAL B 77 -28.27 -12.89 8.05
N PHE B 78 -27.21 -13.38 7.44
CA PHE B 78 -25.89 -13.37 8.06
C PHE B 78 -25.02 -12.29 7.43
N VAL B 79 -24.32 -11.54 8.29
CA VAL B 79 -23.39 -10.53 7.81
C VAL B 79 -21.97 -10.83 8.26
N ALA B 80 -21.06 -10.99 7.30
CA ALA B 80 -19.64 -11.12 7.63
C ALA B 80 -19.05 -9.73 7.69
N LEU B 81 -18.62 -9.34 8.89
CA LEU B 81 -18.13 -8.00 9.14
C LEU B 81 -16.67 -7.99 9.59
N ASP B 82 -15.82 -7.29 8.86
CA ASP B 82 -14.52 -6.92 9.38
C ASP B 82 -14.64 -5.43 9.66
N PRO B 83 -14.71 -5.07 10.96
CA PRO B 83 -14.97 -3.69 11.38
C PRO B 83 -13.79 -2.85 10.97
N LEU B 84 -12.66 -3.52 10.77
CA LEU B 84 -11.43 -2.86 10.39
C LEU B 84 -10.47 -3.89 9.83
N ASP B 85 -10.29 -3.85 8.51
CA ASP B 85 -9.36 -4.73 7.87
C ASP B 85 -8.18 -3.87 7.49
N GLY B 86 -6.98 -4.37 7.73
CA GLY B 86 -5.79 -3.54 7.64
C GLY B 86 -5.53 -2.75 8.93
N THR B 87 -5.78 -3.39 10.07
CA THR B 87 -5.65 -2.70 11.35
C THR B 87 -4.23 -2.18 11.54
N PHE B 88 -3.26 -2.98 11.15
CA PHE B 88 -1.88 -2.52 11.20
C PHE B 88 -1.65 -1.19 10.46
N ASN B 89 -2.06 -1.11 9.20
CA ASN B 89 -1.92 0.13 8.45
C ASN B 89 -2.60 1.30 9.12
N ALA B 90 -3.76 1.05 9.71
CA ALA B 90 -4.51 2.10 10.37
C ALA B 90 -3.75 2.65 11.60
N THR B 91 -3.09 1.78 12.35
CA THR B 91 -2.31 2.24 13.50
C THR B 91 -1.04 3.01 13.09
N GLN B 92 -0.67 2.92 11.81
CA GLN B 92 0.51 3.66 11.32
C GLN B 92 0.16 4.87 10.47
N GLY B 93 -1.10 5.11 10.20
CA GLY B 93 -1.50 6.03 9.16
C GLY B 93 -1.14 5.79 7.71
N ILE B 94 -1.24 4.56 7.23
CA ILE B 94 -1.10 4.27 5.83
C ILE B 94 -2.48 4.15 5.18
N PRO B 95 -2.78 4.95 4.16
CA PRO B 95 -4.16 5.10 3.68
C PRO B 95 -4.61 3.86 2.93
N VAL B 96 -4.52 2.71 3.57
CA VAL B 96 -5.11 1.52 3.08
C VAL B 96 -5.78 0.73 4.16
N TYR B 97 -6.90 1.17 4.66
CA TYR B 97 -7.64 0.34 5.58
C TYR B 97 -9.10 0.50 5.33
N SER B 98 -9.87 -0.52 5.62
CA SER B 98 -11.28 -0.58 5.25
C SER B 98 -12.19 -1.15 6.30
N VAL B 99 -13.48 -0.83 6.26
CA VAL B 99 -14.54 -1.60 6.89
C VAL B 99 -15.13 -2.44 5.76
N SER B 100 -15.55 -3.66 6.09
CA SER B 100 -15.97 -4.62 5.07
C SER B 100 -17.19 -5.41 5.54
N LEU B 101 -18.19 -5.55 4.66
CA LEU B 101 -19.40 -6.29 4.96
C LEU B 101 -19.85 -7.15 3.80
N CYS B 102 -20.28 -8.37 4.11
CA CYS B 102 -20.94 -9.24 3.14
C CYS B 102 -22.25 -9.79 3.71
N PHE B 103 -23.37 -9.39 3.13
CA PHE B 103 -24.67 -9.86 3.58
C PHE B 103 -25.04 -11.11 2.81
N SER B 104 -25.51 -12.15 3.51
CA SER B 104 -25.95 -13.38 2.86
C SER B 104 -27.28 -13.87 3.41
N TYR B 105 -28.05 -14.53 2.55
CA TYR B 105 -29.38 -15.01 2.90
C TYR B 105 -29.34 -16.29 3.70
N SER B 106 -28.14 -16.81 3.89
CA SER B 106 -27.91 -18.00 4.69
C SER B 106 -26.47 -17.93 5.18
N ASP B 107 -26.06 -18.91 5.99
CA ASP B 107 -24.72 -18.91 6.55
C ASP B 107 -23.65 -19.48 5.61
N LYS B 108 -23.98 -19.60 4.33
CA LYS B 108 -22.97 -19.96 3.35
C LYS B 108 -22.73 -18.81 2.38
N LEU B 109 -21.50 -18.73 1.87
CA LEU B 109 -21.12 -17.62 0.99
C LEU B 109 -21.92 -17.59 -0.31
N LYS B 110 -22.36 -18.76 -0.79
CA LYS B 110 -23.09 -18.85 -2.06
C LYS B 110 -24.39 -18.05 -2.03
N ASP B 111 -24.90 -17.78 -0.83
CA ASP B 111 -26.14 -17.04 -0.71
C ASP B 111 -25.95 -15.56 -0.44
N ALA B 112 -24.75 -15.07 -0.74
CA ALA B 112 -24.43 -13.65 -0.61
C ALA B 112 -25.27 -12.82 -1.58
N PHE B 113 -25.68 -11.64 -1.13
CA PHE B 113 -26.40 -10.73 -2.02
C PHE B 113 -25.87 -9.30 -2.00
N PHE B 114 -24.98 -9.01 -1.06
CA PHE B 114 -24.35 -7.69 -1.04
C PHE B 114 -22.92 -7.74 -0.50
N GLY B 115 -22.03 -7.03 -1.20
CA GLY B 115 -20.65 -6.93 -0.79
C GLY B 115 -20.30 -5.45 -0.68
N TYR B 116 -19.47 -5.10 0.30
CA TYR B 116 -19.20 -3.70 0.57
C TYR B 116 -17.83 -3.54 1.25
N VAL B 117 -16.98 -2.70 0.67
CA VAL B 117 -15.67 -2.44 1.24
C VAL B 117 -15.37 -0.98 1.06
N TYR B 118 -15.10 -0.29 2.16
CA TYR B 118 -14.94 1.14 2.14
C TYR B 118 -13.61 1.51 2.75
N ASN B 119 -12.75 2.16 1.97
CA ASN B 119 -11.47 2.58 2.47
C ASN B 119 -11.64 3.77 3.41
N LEU B 120 -11.29 3.57 4.66
CA LEU B 120 -11.54 4.59 5.66
C LEU B 120 -10.54 5.75 5.63
N ALA B 121 -9.59 5.69 4.71
CA ALA B 121 -8.55 6.71 4.59
C ALA B 121 -8.83 7.63 3.40
N THR B 122 -9.30 7.06 2.30
CA THR B 122 -9.52 7.82 1.08
C THR B 122 -10.99 8.05 0.82
N GLY B 123 -11.81 7.14 1.31
CA GLY B 123 -13.25 7.22 1.10
C GLY B 123 -13.66 6.49 -0.18
N ASP B 124 -12.74 5.71 -0.75
CA ASP B 124 -13.08 4.92 -1.91
C ASP B 124 -14.13 3.88 -1.49
N GLU B 125 -15.26 3.87 -2.19
CA GLU B 125 -16.35 2.95 -1.87
C GLU B 125 -16.54 1.88 -2.95
N TYR B 126 -16.21 0.64 -2.61
CA TYR B 126 -16.51 -0.48 -3.47
C TYR B 126 -17.77 -1.21 -2.98
N TYR B 127 -18.60 -1.65 -3.90
CA TYR B 127 -19.66 -2.58 -3.55
C TYR B 127 -20.21 -3.30 -4.77
N ALA B 128 -21.09 -4.25 -4.51
CA ALA B 128 -21.71 -5.01 -5.58
C ALA B 128 -23.06 -5.54 -5.14
N ASP B 129 -23.99 -5.58 -6.09
CA ASP B 129 -25.28 -6.23 -5.93
C ASP B 129 -25.63 -6.91 -7.27
N SER B 130 -26.91 -7.18 -7.49
CA SER B 130 -27.34 -7.78 -8.74
C SER B 130 -26.96 -6.93 -9.96
N SER B 131 -27.03 -5.61 -9.82
CA SER B 131 -26.73 -4.73 -10.95
C SER B 131 -25.25 -4.69 -11.33
N GLY B 132 -24.37 -5.29 -10.51
CA GLY B 132 -22.95 -5.31 -10.81
C GLY B 132 -22.03 -4.76 -9.73
N ALA B 133 -20.78 -4.51 -10.08
CA ALA B 133 -19.79 -4.01 -9.12
C ALA B 133 -19.39 -2.56 -9.39
N TYR B 134 -19.23 -1.80 -8.32
CA TYR B 134 -19.06 -0.36 -8.40
C TYR B 134 -17.88 0.12 -7.55
N ARG B 135 -17.19 1.13 -8.05
CA ARG B 135 -16.21 1.83 -7.25
C ARG B 135 -16.57 3.29 -7.35
N ASN B 136 -16.91 3.88 -6.20
CA ASN B 136 -17.34 5.26 -6.17
C ASN B 136 -18.46 5.56 -7.15
N GLY B 137 -19.41 4.62 -7.24
CA GLY B 137 -20.62 4.82 -8.02
C GLY B 137 -20.48 4.49 -9.49
N GLU B 138 -19.26 4.17 -9.94
CA GLU B 138 -19.06 3.80 -11.33
C GLU B 138 -18.67 2.34 -11.45
N ARG B 139 -19.20 1.68 -12.46
CA ARG B 139 -19.02 0.24 -12.63
C ARG B 139 -17.60 -0.14 -13.01
N ILE B 140 -17.21 -1.33 -12.60
CA ILE B 140 -15.84 -1.77 -12.72
C ILE B 140 -15.84 -3.19 -13.22
N GLU B 141 -14.69 -3.62 -13.72
CA GLU B 141 -14.54 -4.99 -14.14
C GLU B 141 -13.08 -5.36 -14.11
N VAL B 142 -12.82 -6.66 -14.03
CA VAL B 142 -11.45 -7.18 -13.92
C VAL B 142 -10.70 -6.96 -15.23
N SER B 143 -9.39 -7.18 -15.21
CA SER B 143 -8.57 -6.97 -16.41
C SER B 143 -8.68 -8.14 -17.38
N ASP B 144 -8.10 -7.98 -18.56
CA ASP B 144 -8.09 -9.04 -19.57
C ASP B 144 -6.70 -9.65 -19.74
N ALA B 145 -5.82 -9.39 -18.77
CA ALA B 145 -4.45 -9.88 -18.84
C ALA B 145 -4.39 -11.39 -19.10
N GLU B 146 -3.55 -11.78 -20.05
CA GLU B 146 -3.45 -13.19 -20.42
C GLU B 146 -2.16 -13.80 -19.93
N GLU B 147 -1.08 -13.04 -19.98
CA GLU B 147 0.23 -13.59 -19.66
C GLU B 147 0.51 -13.62 -18.14
N LEU B 148 1.37 -14.54 -17.72
CA LEU B 148 1.78 -14.62 -16.32
C LEU B 148 2.59 -13.38 -15.94
N TYR B 149 3.11 -12.70 -16.96
CA TYR B 149 3.77 -11.43 -16.75
C TYR B 149 2.71 -10.38 -16.49
N CYS B 150 2.11 -10.46 -15.32
CA CYS B 150 1.00 -9.60 -14.91
C CYS B 150 1.29 -8.91 -13.58
N ASN B 151 0.42 -8.01 -13.19
CA ASN B 151 0.49 -7.36 -11.87
C ASN B 151 -0.24 -8.21 -10.83
N ALA B 152 0.47 -8.60 -9.78
CA ALA B 152 -0.08 -9.56 -8.84
C ALA B 152 -0.06 -9.05 -7.40
N ILE B 153 -1.13 -9.35 -6.67
CA ILE B 153 -1.08 -9.20 -5.24
C ILE B 153 -0.96 -10.59 -4.64
N ILE B 154 0.12 -10.83 -3.91
CA ILE B 154 0.37 -12.19 -3.43
C ILE B 154 0.86 -12.32 -1.98
N TYR B 155 0.15 -13.14 -1.22
CA TYR B 155 0.51 -13.53 0.13
C TYR B 155 0.79 -15.03 0.13
N TYR B 156 2.04 -15.48 0.17
CA TYR B 156 3.23 -14.65 0.19
C TYR B 156 4.18 -15.20 -0.88
N PRO B 157 4.94 -14.32 -1.52
CA PRO B 157 5.97 -14.80 -2.46
C PRO B 157 7.07 -15.53 -1.69
N ASP B 158 7.40 -16.75 -2.11
CA ASP B 158 8.59 -17.43 -1.58
C ASP B 158 9.30 -18.25 -2.66
N ARG B 159 9.39 -17.66 -3.85
CA ARG B 159 9.84 -18.38 -5.04
C ARG B 159 10.25 -17.40 -6.14
N LYS B 160 10.84 -17.92 -7.21
CA LYS B 160 10.91 -17.18 -8.45
C LYS B 160 9.46 -16.94 -8.82
N PHE B 161 9.17 -15.80 -9.43
CA PHE B 161 7.82 -15.56 -9.92
C PHE B 161 7.81 -14.67 -11.16
N PRO B 162 7.14 -15.13 -12.22
CA PRO B 162 7.15 -14.47 -13.52
C PRO B 162 6.31 -13.19 -13.57
N PHE B 163 5.97 -12.62 -12.42
CA PHE B 163 5.13 -11.43 -12.42
C PHE B 163 5.91 -10.18 -12.76
N GLU B 164 5.23 -9.24 -13.43
CA GLU B 164 5.80 -7.94 -13.72
C GLU B 164 5.92 -7.11 -12.44
N ARG B 165 4.87 -7.15 -11.62
CA ARG B 165 4.86 -6.44 -10.33
C ARG B 165 4.25 -7.35 -9.28
N MET B 166 4.86 -7.40 -8.11
CA MET B 166 4.23 -7.98 -6.94
C MET B 166 4.00 -6.88 -5.91
N ARG B 167 2.86 -6.94 -5.22
CA ARG B 167 2.53 -5.99 -4.17
C ARG B 167 1.78 -6.68 -3.04
N ILE B 168 1.89 -6.11 -1.85
CA ILE B 168 1.22 -6.59 -0.62
C ILE B 168 0.88 -5.37 0.24
N PHE B 169 -0.40 -5.10 0.44
CA PHE B 169 -0.79 -3.80 0.99
C PHE B 169 -1.28 -3.88 2.42
N GLY B 170 -1.75 -5.07 2.81
CA GLY B 170 -2.09 -5.30 4.18
C GLY B 170 -3.55 -5.08 4.49
N SER B 171 -4.40 -5.15 3.45
CA SER B 171 -5.84 -5.11 3.62
C SER B 171 -6.55 -5.98 2.59
N ALA B 172 -6.69 -7.26 2.89
CA ALA B 172 -7.21 -8.21 1.92
C ALA B 172 -8.55 -7.75 1.35
N ALA B 173 -9.40 -7.20 2.20
CA ALA B 173 -10.72 -6.79 1.72
C ALA B 173 -10.57 -5.64 0.74
N THR B 174 -9.49 -4.89 0.86
CA THR B 174 -9.30 -3.81 -0.09
C THR B 174 -8.59 -4.32 -1.33
N GLU B 175 -7.69 -5.27 -1.13
CA GLU B 175 -6.88 -5.75 -2.24
C GLU B 175 -7.73 -6.56 -3.23
N LEU B 176 -8.72 -7.29 -2.72
CA LEU B 176 -9.65 -7.99 -3.60
C LEU B 176 -10.39 -7.00 -4.49
N CYS B 177 -10.53 -5.76 -4.02
CA CYS B 177 -11.20 -4.74 -4.81
C CYS B 177 -10.24 -4.13 -5.82
N PHE B 178 -8.96 -4.04 -5.47
CA PHE B 178 -7.97 -3.60 -6.43
C PHE B 178 -7.94 -4.60 -7.59
N PHE B 179 -8.29 -5.85 -7.29
CA PHE B 179 -8.37 -6.85 -8.34
C PHE B 179 -9.64 -6.61 -9.14
N ALA B 180 -10.75 -6.51 -8.41
CA ALA B 180 -12.07 -6.32 -9.02
C ALA B 180 -12.15 -5.17 -10.04
N ASP B 181 -11.41 -4.08 -9.82
CA ASP B 181 -11.42 -2.97 -10.77
C ASP B 181 -10.27 -2.98 -11.81
N GLY B 182 -9.55 -4.09 -11.88
CA GLY B 182 -8.53 -4.25 -12.89
C GLY B 182 -7.21 -3.55 -12.64
N SER B 183 -7.05 -3.00 -11.43
CA SER B 183 -5.79 -2.42 -11.01
C SER B 183 -4.71 -3.48 -10.98
N PHE B 184 -5.07 -4.65 -10.45
CA PHE B 184 -4.17 -5.79 -10.49
C PHE B 184 -4.82 -6.96 -11.21
N ASP B 185 -4.00 -7.75 -11.89
CA ASP B 185 -4.51 -8.83 -12.72
C ASP B 185 -4.94 -10.07 -11.90
N CYS B 186 -4.54 -10.11 -10.64
CA CYS B 186 -4.92 -11.24 -9.79
C CYS B 186 -4.67 -10.98 -8.29
N PHE B 187 -5.42 -11.69 -7.45
CA PHE B 187 -5.22 -11.67 -6.01
C PHE B 187 -4.95 -13.07 -5.52
N LEU B 188 -3.76 -13.29 -4.99
CA LEU B 188 -3.35 -14.61 -4.56
C LEU B 188 -3.04 -14.65 -3.08
N ASP B 189 -3.78 -15.43 -2.31
CA ASP B 189 -3.37 -15.74 -0.97
C ASP B 189 -3.21 -17.24 -0.86
N ILE B 190 -1.96 -17.68 -0.97
CA ILE B 190 -1.62 -19.08 -0.99
C ILE B 190 -0.97 -19.56 0.30
N ARG B 191 -1.02 -18.75 1.36
CA ARG B 191 -0.38 -19.12 2.62
C ARG B 191 -0.88 -20.48 3.11
N PRO B 192 0.04 -21.43 3.27
CA PRO B 192 -0.32 -22.79 3.71
C PRO B 192 -1.05 -22.77 5.05
N GLY B 193 -0.75 -21.79 5.89
CA GLY B 193 -1.42 -21.66 7.16
C GLY B 193 -2.94 -21.48 7.05
N LYS B 194 -3.42 -21.16 5.85
CA LYS B 194 -4.83 -20.81 5.63
C LYS B 194 -5.22 -19.74 6.65
N MET B 195 -4.74 -18.53 6.42
CA MET B 195 -4.82 -17.45 7.40
C MET B 195 -6.08 -16.60 7.33
N LEU B 196 -6.73 -16.57 6.17
CA LEU B 196 -7.87 -15.68 5.92
C LEU B 196 -9.14 -16.17 6.59
N ARG B 197 -9.88 -15.23 7.19
CA ARG B 197 -11.13 -15.53 7.84
C ARG B 197 -12.29 -14.99 7.02
N ILE B 198 -13.47 -15.57 7.21
CA ILE B 198 -14.63 -15.25 6.38
C ILE B 198 -14.90 -13.73 6.24
N TYR B 199 -14.69 -12.96 7.30
CA TYR B 199 -14.99 -11.54 7.24
C TYR B 199 -13.88 -10.74 6.55
N ASP B 200 -12.69 -11.32 6.39
CA ASP B 200 -11.65 -10.68 5.59
C ASP B 200 -11.98 -10.75 4.10
N ALA B 201 -12.48 -11.91 3.67
CA ALA B 201 -12.59 -12.20 2.24
C ALA B 201 -13.96 -12.00 1.62
N ALA B 202 -15.02 -12.28 2.38
CA ALA B 202 -16.35 -12.46 1.79
C ALA B 202 -16.85 -11.30 0.97
N ALA B 203 -16.71 -10.08 1.49
CA ALA B 203 -17.14 -8.94 0.71
C ALA B 203 -16.29 -8.86 -0.55
N GLY B 204 -14.99 -9.05 -0.40
CA GLY B 204 -14.08 -8.92 -1.52
C GLY B 204 -14.35 -9.93 -2.62
N VAL B 205 -14.64 -11.16 -2.24
CA VAL B 205 -14.90 -12.19 -3.21
C VAL B 205 -16.15 -11.86 -4.02
N PHE B 206 -17.22 -11.47 -3.32
CA PHE B 206 -18.49 -11.15 -3.95
C PHE B 206 -18.31 -10.04 -4.96
N ILE B 207 -17.65 -8.97 -4.52
CA ILE B 207 -17.39 -7.85 -5.41
C ILE B 207 -16.56 -8.26 -6.61
N ALA B 208 -15.49 -9.02 -6.36
CA ALA B 208 -14.64 -9.49 -7.45
C ALA B 208 -15.38 -10.38 -8.43
N GLU B 209 -16.24 -11.24 -7.90
CA GLU B 209 -16.95 -12.18 -8.77
C GLU B 209 -17.95 -11.42 -9.62
N LYS B 210 -18.69 -10.50 -9.01
CA LYS B 210 -19.63 -9.69 -9.78
C LYS B 210 -18.93 -8.83 -10.82
N ALA B 211 -17.67 -8.50 -10.58
CA ALA B 211 -16.91 -7.69 -11.52
C ALA B 211 -16.32 -8.52 -12.64
N GLY B 212 -16.57 -9.84 -12.59
CA GLY B 212 -16.15 -10.72 -13.67
C GLY B 212 -15.09 -11.78 -13.35
N GLY B 213 -14.47 -11.67 -12.17
CA GLY B 213 -13.31 -12.47 -11.86
C GLY B 213 -13.66 -13.88 -11.45
N LYS B 214 -12.79 -14.84 -11.76
CA LYS B 214 -12.95 -16.18 -11.22
C LYS B 214 -12.25 -16.27 -9.88
N VAL B 215 -13.01 -16.50 -8.82
CA VAL B 215 -12.42 -16.60 -7.51
C VAL B 215 -12.68 -17.97 -6.92
N THR B 216 -11.60 -18.69 -6.59
CA THR B 216 -11.70 -20.05 -6.07
C THR B 216 -10.82 -20.25 -4.85
N GLU B 217 -10.91 -21.43 -4.25
CA GLU B 217 -10.03 -21.85 -3.17
C GLU B 217 -8.71 -22.30 -3.78
N LEU B 218 -7.81 -22.82 -2.96
CA LEU B 218 -6.45 -23.19 -3.40
C LEU B 218 -6.41 -24.13 -4.61
N ASP B 219 -7.39 -25.02 -4.73
CA ASP B 219 -7.35 -26.08 -5.73
C ASP B 219 -8.37 -25.90 -6.88
N GLY B 220 -9.07 -24.77 -6.90
CA GLY B 220 -10.04 -24.51 -7.93
C GLY B 220 -11.50 -24.67 -7.51
N GLU B 221 -11.74 -25.23 -6.33
CA GLU B 221 -13.11 -25.42 -5.88
C GLU B 221 -13.83 -24.11 -5.55
N SER B 222 -15.14 -24.11 -5.78
CA SER B 222 -15.98 -22.97 -5.46
C SER B 222 -15.84 -22.56 -3.99
N LEU B 223 -15.96 -21.26 -3.75
CA LEU B 223 -15.98 -20.72 -2.40
C LEU B 223 -17.39 -20.78 -1.85
N GLY B 224 -18.32 -21.22 -2.70
CA GLY B 224 -19.73 -21.32 -2.35
C GLY B 224 -20.02 -21.87 -0.96
N ASN B 225 -19.23 -22.86 -0.52
CA ASN B 225 -19.53 -23.54 0.73
CA ASN B 225 -19.50 -23.45 0.70
C ASN B 225 -18.88 -22.97 1.98
N LYS B 226 -18.06 -21.93 1.82
CA LYS B 226 -17.46 -21.29 2.98
C LYS B 226 -18.53 -20.83 3.97
N LYS B 227 -18.31 -21.08 5.25
CA LYS B 227 -19.33 -20.81 6.25
C LYS B 227 -19.11 -19.46 6.92
N PHE B 228 -20.20 -18.88 7.39
CA PHE B 228 -20.13 -17.64 8.14
C PHE B 228 -19.96 -17.98 9.61
N ASP B 229 -18.75 -18.42 9.96
CA ASP B 229 -18.44 -18.71 11.35
C ASP B 229 -16.98 -18.41 11.62
N MET B 230 -16.62 -18.35 12.90
CA MET B 230 -15.29 -18.00 13.29
C MET B 230 -14.28 -19.05 12.90
N GLN B 231 -14.69 -20.27 12.84
CA GLN B 231 -13.82 -21.37 12.53
C GLN B 231 -13.19 -21.30 11.17
N GLU B 232 -13.96 -20.81 10.21
CA GLU B 232 -13.70 -20.91 8.80
C GLU B 232 -12.53 -20.17 8.25
N ARG B 233 -11.83 -20.78 7.32
CA ARG B 233 -10.54 -20.30 6.84
C ARG B 233 -10.50 -20.39 5.32
N LEU B 234 -9.63 -19.62 4.69
CA LEU B 234 -9.61 -19.52 3.22
C LEU B 234 -8.23 -19.27 2.62
N ASN B 235 -7.94 -19.94 1.50
CA ASN B 235 -6.93 -19.45 0.56
C ASN B 235 -7.70 -18.93 -0.64
N ILE B 236 -7.14 -17.94 -1.32
CA ILE B 236 -7.82 -17.40 -2.49
C ILE B 236 -6.93 -17.38 -3.73
N VAL B 237 -7.51 -17.77 -4.86
CA VAL B 237 -6.89 -17.55 -6.14
C VAL B 237 -7.90 -16.82 -7.01
N ALA B 238 -7.60 -15.58 -7.39
CA ALA B 238 -8.56 -14.77 -8.12
C ALA B 238 -7.90 -14.19 -9.34
N ALA B 239 -8.61 -14.23 -10.47
CA ALA B 239 -8.08 -13.79 -11.76
C ALA B 239 -9.21 -13.79 -12.76
N ASN B 240 -8.98 -13.18 -13.92
CA ASN B 240 -9.92 -13.34 -15.03
C ASN B 240 -9.90 -14.78 -15.55
N GLU B 241 -10.92 -15.14 -16.32
CA GLU B 241 -11.07 -16.51 -16.81
C GLU B 241 -9.83 -17.04 -17.55
N LYS B 242 -9.30 -16.26 -18.48
CA LYS B 242 -8.17 -16.75 -19.26
C LYS B 242 -6.93 -17.02 -18.39
N LEU B 243 -6.72 -16.15 -17.42
CA LEU B 243 -5.52 -16.21 -16.60
C LEU B 243 -5.63 -17.19 -15.44
N HIS B 244 -6.82 -17.29 -14.87
CA HIS B 244 -7.03 -18.11 -13.69
C HIS B 244 -6.41 -19.52 -13.73
N PRO B 245 -6.80 -20.39 -14.71
CA PRO B 245 -6.16 -21.71 -14.74
C PRO B 245 -4.64 -21.67 -14.90
N LYS B 246 -4.11 -20.63 -15.55
CA LYS B 246 -2.66 -20.56 -15.69
C LYS B 246 -2.04 -20.42 -14.31
N LEU B 247 -2.68 -19.64 -13.45
CA LEU B 247 -2.16 -19.40 -12.10
C LEU B 247 -2.25 -20.65 -11.22
N LEU B 248 -3.35 -21.38 -11.35
CA LEU B 248 -3.53 -22.63 -10.60
C LEU B 248 -2.41 -23.59 -10.93
N GLU B 249 -2.04 -23.60 -12.21
CA GLU B 249 -0.93 -24.41 -12.67
C GLU B 249 0.37 -23.89 -12.06
N LEU B 250 0.57 -22.58 -12.15
CA LEU B 250 1.80 -21.94 -11.70
C LEU B 250 2.23 -22.32 -10.27
N ILE B 251 1.31 -22.27 -9.32
CA ILE B 251 1.67 -22.50 -7.93
C ILE B 251 1.96 -23.99 -7.61
N LYS B 252 1.14 -24.90 -8.13
CA LYS B 252 1.48 -26.33 -8.12
C LYS B 252 0.67 -27.12 -9.14
S SO4 C . 8.53 5.33 -10.77
O1 SO4 C . 9.23 6.39 -10.02
O2 SO4 C . 7.33 4.92 -10.03
O3 SO4 C . 8.15 5.91 -12.08
O4 SO4 C . 9.37 4.14 -10.97
MG MG D . 10.34 6.46 -17.18
MG MG E . 8.26 6.25 -14.33
C1 PEG F . -3.20 13.52 6.35
O1 PEG F . -2.77 12.37 6.81
C2 PEG F . -2.05 14.33 6.00
O2 PEG F . -2.03 15.44 6.81
C3 PEG F . -2.51 16.66 6.29
C4 PEG F . -3.49 16.40 5.21
O4 PEG F . -3.52 17.45 4.34
C1 IPA G . 6.19 0.75 -12.04
C2 IPA G . 6.01 1.03 -10.55
C3 IPA G . 5.47 -0.14 -9.76
O2 IPA G . 5.20 2.19 -10.35
S SO4 H . -7.47 -7.29 10.68
O1 SO4 H . -7.52 -7.02 12.12
O2 SO4 H . -6.74 -8.55 10.49
O3 SO4 H . -8.86 -7.35 10.19
O4 SO4 H . -6.73 -6.24 9.94
MG MG I . -8.80 -9.43 16.87
MG MG J . -7.47 -7.38 14.09
C1 PEG K . -12.97 9.86 -3.69
O1 PEG K . -14.05 9.82 -2.90
C2 PEG K . -11.76 9.67 -2.87
O2 PEG K . -10.65 9.43 -3.68
C3 PEG K . -10.79 8.69 -4.90
C4 PEG K . -9.45 8.56 -5.56
O4 PEG K . -9.26 7.27 -6.02
C1 PEG L . -21.80 9.49 5.87
O1 PEG L . -21.27 10.56 5.32
C2 PEG L . -21.66 8.37 4.95
O2 PEG L . -20.74 8.70 3.99
C3 PEG L . -20.12 7.66 3.26
C4 PEG L . -20.05 7.97 1.82
O4 PEG L . -20.51 6.90 1.09
C1 IPA M . -2.27 -7.59 11.29
C2 IPA M . -2.81 -6.94 10.04
C3 IPA M . -1.66 -6.54 9.12
O2 IPA M . -3.57 -5.80 10.37
#